data_8J5V
#
_entry.id   8J5V
#
_cell.length_a   46.378
_cell.length_b   85.667
_cell.length_c   89.854
_cell.angle_alpha   90.00
_cell.angle_beta   90.00
_cell.angle_gamma   90.00
#
_symmetry.space_group_name_H-M   'P 21 21 21'
#
loop_
_entity.id
_entity.type
_entity.pdbx_description
1 polymer Carboxylesterase
2 water water
#
_entity_poly.entity_id   1
_entity_poly.type   'polypeptide(L)'
_entity_poly.pdbx_seq_one_letter_code
;MGSSHHHHHHENLYFQGGVQIQGHYELKFEAVREAFAALFDDPQERGAGLCIQVGGETVVDLWAGSADKDGREAWHSDTI
ANLFSCTKTFTAVTALQLVGEGKLSLDAPVVRYWPEFGQAGKASVTLRQLLSHRAGLPAIRELLPAEALYDWQAMVDALA
AEAPWWTPGTEHGYAAITYGWLIGELIRRVDGRGPGESIVARTARPLGLDFHVGLADEEFHRVAHIARGKGNPGDAAAQR
LLQVTLREPEALSTRAFTNPPAILTSTNKPEWRRMQQPAANGHGNARSLAGFYAGLLDGSLLESELLDELTREHSLGQDR
TLLTQTRFGLGCMLDQPDVANATFGLGARAFGHPGAGGSVGFADPEYDVAFGFVTNTLGPYVLMDPRAQKLVRVLGTCLR
RRRR
;
_entity_poly.pdbx_strand_id   A
#
# COMPACT_ATOMS: atom_id res chain seq x y z
N GLN A 20 -8.72 26.37 0.52
CA GLN A 20 -10.21 26.17 0.55
C GLN A 20 -10.51 24.66 0.57
N ILE A 21 -11.14 24.20 1.66
CA ILE A 21 -11.68 22.80 1.79
C ILE A 21 -12.80 22.64 0.76
N GLN A 22 -12.67 21.64 -0.12
CA GLN A 22 -13.65 21.36 -1.20
C GLN A 22 -14.24 19.96 -0.95
N GLY A 23 -15.43 19.72 -1.51
CA GLY A 23 -16.08 18.40 -1.53
C GLY A 23 -17.34 18.39 -0.68
N HIS A 24 -17.79 17.21 -0.27
CA HIS A 24 -19.12 17.01 0.36
C HIS A 24 -18.98 16.18 1.64
N TYR A 25 -19.89 16.42 2.58
CA TYR A 25 -20.02 15.64 3.83
C TYR A 25 -21.49 15.62 4.25
N GLU A 26 -21.92 14.51 4.84
CA GLU A 26 -23.18 14.40 5.61
C GLU A 26 -22.97 15.21 6.91
N LEU A 27 -23.97 16.00 7.30
CA LEU A 27 -23.93 16.91 8.47
C LEU A 27 -23.43 16.14 9.71
N LYS A 28 -23.84 14.89 9.86
CA LYS A 28 -23.43 13.97 10.97
C LYS A 28 -21.90 13.91 11.09
N PHE A 29 -21.17 14.11 9.98
CA PHE A 29 -19.69 13.96 9.91
C PHE A 29 -19.01 15.33 9.77
N GLU A 30 -19.69 16.41 10.19
CA GLU A 30 -19.15 17.79 10.08
C GLU A 30 -17.84 17.88 10.87
N ALA A 31 -17.75 17.17 12.00
CA ALA A 31 -16.54 17.11 12.85
C ALA A 31 -15.34 16.62 12.02
N VAL A 32 -15.58 15.67 11.10
CA VAL A 32 -14.51 15.14 10.21
C VAL A 32 -14.03 16.27 9.30
N ARG A 33 -14.97 17.02 8.70
CA ARG A 33 -14.64 18.19 7.83
C ARG A 33 -13.77 19.17 8.63
N GLU A 34 -14.14 19.45 9.89
CA GLU A 34 -13.42 20.38 10.80
C GLU A 34 -11.99 19.88 10.99
N ALA A 35 -11.81 18.61 11.35
CA ALA A 35 -10.50 17.97 11.59
C ALA A 35 -9.63 18.02 10.33
N PHE A 36 -10.23 17.78 9.16
CA PHE A 36 -9.54 17.86 7.84
C PHE A 36 -9.02 19.28 7.62
N ALA A 37 -9.85 20.28 7.92
CA ALA A 37 -9.48 21.72 7.83
C ALA A 37 -8.30 22.01 8.76
N ALA A 38 -8.32 21.45 9.96
CA ALA A 38 -7.31 21.62 11.03
C ALA A 38 -5.92 21.19 10.55
N LEU A 39 -5.83 20.19 9.66
CA LEU A 39 -4.55 19.73 9.04
C LEU A 39 -3.77 20.94 8.53
N PHE A 40 -4.47 21.83 7.81
CA PHE A 40 -3.88 22.95 7.03
C PHE A 40 -3.58 24.15 7.95
N ASP A 41 -3.87 24.03 9.25
CA ASP A 41 -3.36 24.96 10.31
C ASP A 41 -1.84 24.81 10.41
N ASP A 42 -1.28 23.72 9.87
CA ASP A 42 0.18 23.49 9.71
C ASP A 42 0.59 23.99 8.33
N PRO A 43 1.48 25.01 8.24
CA PRO A 43 1.82 25.62 6.95
C PRO A 43 2.59 24.74 5.94
N GLN A 44 3.18 23.62 6.35
CA GLN A 44 3.91 22.71 5.42
C GLN A 44 2.92 21.83 4.66
N GLU A 45 1.73 21.55 5.22
CA GLU A 45 0.63 20.85 4.49
C GLU A 45 0.41 21.59 3.16
N ARG A 46 0.56 20.88 2.03
CA ARG A 46 0.40 21.46 0.68
C ARG A 46 -0.97 21.05 0.14
N GLY A 47 -1.17 19.74 -0.08
CA GLY A 47 -2.44 19.17 -0.56
C GLY A 47 -2.78 17.88 0.16
N ALA A 48 -4.07 17.54 0.20
CA ALA A 48 -4.58 16.26 0.75
C ALA A 48 -5.97 15.98 0.22
N GLY A 49 -6.34 14.69 0.24
CA GLY A 49 -7.70 14.20 0.00
C GLY A 49 -8.11 13.28 1.14
N LEU A 50 -9.41 13.27 1.45
CA LEU A 50 -10.02 12.41 2.50
C LEU A 50 -11.37 11.94 1.98
N CYS A 51 -11.58 10.62 1.98
CA CYS A 51 -12.83 9.99 1.49
C CYS A 51 -13.21 8.83 2.41
N ILE A 52 -14.44 8.84 2.91
CA ILE A 52 -14.96 7.81 3.87
C ILE A 52 -16.29 7.29 3.33
N GLN A 53 -16.40 5.97 3.25
CA GLN A 53 -17.69 5.26 2.97
C GLN A 53 -18.12 4.55 4.25
N VAL A 54 -19.42 4.62 4.56
CA VAL A 54 -20.09 3.85 5.64
C VAL A 54 -21.23 3.06 5.00
N GLY A 55 -21.12 1.73 5.01
CA GLY A 55 -22.07 0.80 4.37
C GLY A 55 -22.19 1.04 2.88
N GLY A 56 -21.07 1.33 2.20
CA GLY A 56 -21.03 1.56 0.74
C GLY A 56 -21.59 2.92 0.34
N GLU A 57 -21.78 3.79 1.33
CA GLU A 57 -22.30 5.16 1.08
C GLU A 57 -21.21 6.19 1.42
N THR A 58 -20.80 6.99 0.44
CA THR A 58 -19.77 8.04 0.63
C THR A 58 -20.38 9.15 1.50
N VAL A 59 -19.88 9.26 2.74
CA VAL A 59 -20.36 10.23 3.77
C VAL A 59 -19.41 11.42 3.84
N VAL A 60 -18.15 11.24 3.42
CA VAL A 60 -17.11 12.31 3.34
C VAL A 60 -16.32 12.12 2.05
N ASP A 61 -16.21 13.19 1.26
CA ASP A 61 -15.33 13.24 0.06
C ASP A 61 -14.76 14.66 0.02
N LEU A 62 -13.59 14.86 0.60
CA LEU A 62 -12.94 16.18 0.76
C LEU A 62 -11.57 16.19 0.07
N TRP A 63 -11.18 17.36 -0.41
CA TRP A 63 -9.82 17.68 -0.91
C TRP A 63 -9.55 19.16 -0.68
N ALA A 64 -8.28 19.58 -0.73
CA ALA A 64 -7.84 20.94 -0.30
C ALA A 64 -6.38 21.19 -0.72
N GLY A 65 -6.07 22.48 -0.97
CA GLY A 65 -4.70 23.00 -1.17
C GLY A 65 -4.16 22.77 -2.56
N SER A 66 -2.83 22.60 -2.62
CA SER A 66 -2.18 22.51 -3.93
C SER A 66 -1.60 21.13 -4.21
N ALA A 67 -1.47 20.81 -5.49
CA ALA A 67 -0.89 19.55 -6.00
C ALA A 67 0.60 19.74 -6.33
N ASP A 68 0.99 20.92 -6.82
CA ASP A 68 2.38 21.24 -7.21
C ASP A 68 3.14 21.74 -5.98
N LYS A 69 4.47 21.89 -6.09
CA LYS A 69 5.37 22.31 -4.98
C LYS A 69 5.14 23.77 -4.62
N ASP A 70 4.67 24.58 -5.58
CA ASP A 70 4.73 26.07 -5.54
C ASP A 70 3.33 26.68 -5.39
N GLY A 71 2.28 25.86 -5.30
CA GLY A 71 0.90 26.33 -5.00
C GLY A 71 0.25 27.03 -6.19
N ARG A 72 0.69 26.70 -7.41
CA ARG A 72 0.24 27.32 -8.68
C ARG A 72 -0.88 26.47 -9.32
N GLU A 73 -0.84 25.15 -9.08
CA GLU A 73 -1.87 24.17 -9.54
C GLU A 73 -2.63 23.67 -8.30
N ALA A 74 -3.91 23.99 -8.20
CA ALA A 74 -4.78 23.60 -7.06
C ALA A 74 -4.97 22.08 -7.11
N TRP A 75 -5.15 21.47 -5.94
CA TRP A 75 -5.64 20.07 -5.82
C TRP A 75 -7.07 20.03 -6.36
N HIS A 76 -7.31 19.29 -7.45
CA HIS A 76 -8.65 19.02 -8.05
C HIS A 76 -9.25 17.74 -7.43
N SER A 77 -10.54 17.50 -7.68
CA SER A 77 -11.25 16.29 -7.23
C SER A 77 -10.56 15.04 -7.81
N ASP A 78 -9.98 15.16 -9.01
CA ASP A 78 -9.33 14.04 -9.75
C ASP A 78 -7.80 14.15 -9.66
N THR A 79 -7.28 14.91 -8.71
CA THR A 79 -5.82 14.91 -8.39
C THR A 79 -5.47 13.55 -7.79
N ILE A 80 -4.41 12.92 -8.32
CA ILE A 80 -3.89 11.61 -7.86
C ILE A 80 -2.44 11.79 -7.43
N ALA A 81 -1.89 10.79 -6.73
CA ALA A 81 -0.55 10.86 -6.13
C ALA A 81 -0.01 9.46 -5.89
N ASN A 82 1.30 9.36 -5.74
CA ASN A 82 1.98 8.12 -5.29
C ASN A 82 1.45 7.76 -3.89
N LEU A 83 0.93 6.54 -3.74
CA LEU A 83 0.30 6.05 -2.49
C LEU A 83 1.28 5.14 -1.72
N PHE A 84 2.49 4.96 -2.25
CA PHE A 84 3.56 4.15 -1.61
C PHE A 84 2.97 2.79 -1.23
N SER A 85 3.17 2.33 0.01
CA SER A 85 2.85 0.95 0.45
C SER A 85 1.35 0.73 0.63
N CYS A 86 0.51 1.77 0.46
CA CYS A 86 -0.96 1.61 0.28
C CYS A 86 -1.21 0.56 -0.83
N THR A 87 -0.32 0.52 -1.82
CA THR A 87 -0.38 -0.37 -3.02
C THR A 87 -0.41 -1.85 -2.62
N LYS A 88 0.25 -2.22 -1.51
CA LYS A 88 0.55 -3.64 -1.17
C LYS A 88 -0.74 -4.46 -1.08
N THR A 89 -1.84 -3.88 -0.59
CA THR A 89 -3.11 -4.62 -0.38
C THR A 89 -3.78 -4.88 -1.73
N PHE A 90 -3.68 -3.95 -2.68
CA PHE A 90 -4.17 -4.12 -4.08
C PHE A 90 -3.46 -5.33 -4.70
N THR A 91 -2.14 -5.39 -4.53
CA THR A 91 -1.26 -6.48 -5.03
C THR A 91 -1.66 -7.81 -4.37
N ALA A 92 -1.85 -7.82 -3.06
CA ALA A 92 -2.24 -9.03 -2.30
C ALA A 92 -3.60 -9.54 -2.79
N VAL A 93 -4.56 -8.63 -2.99
CA VAL A 93 -5.95 -9.00 -3.42
C VAL A 93 -5.85 -9.63 -4.81
N THR A 94 -5.03 -9.08 -5.70
CA THR A 94 -4.74 -9.63 -7.06
C THR A 94 -4.24 -11.07 -6.90
N ALA A 95 -3.26 -11.30 -6.03
CA ALA A 95 -2.65 -12.64 -5.80
C ALA A 95 -3.72 -13.61 -5.29
N LEU A 96 -4.59 -13.17 -4.38
CA LEU A 96 -5.62 -14.03 -3.75
C LEU A 96 -6.70 -14.41 -4.77
N GLN A 97 -7.02 -13.52 -5.72
CA GLN A 97 -7.96 -13.86 -6.84
C GLN A 97 -7.35 -14.99 -7.68
N LEU A 98 -6.05 -14.89 -7.98
CA LEU A 98 -5.31 -15.91 -8.75
C LEU A 98 -5.33 -17.24 -7.97
N VAL A 99 -5.23 -17.19 -6.64
CA VAL A 99 -5.38 -18.39 -5.76
C VAL A 99 -6.79 -18.97 -5.97
N GLY A 100 -7.82 -18.12 -5.84
CA GLY A 100 -9.24 -18.47 -6.08
C GLY A 100 -9.45 -19.18 -7.41
N GLU A 101 -8.75 -18.73 -8.46
CA GLU A 101 -8.87 -19.24 -9.86
C GLU A 101 -7.96 -20.47 -10.07
N GLY A 102 -7.23 -20.91 -9.05
CA GLY A 102 -6.35 -22.11 -9.10
C GLY A 102 -5.10 -21.87 -9.93
N LYS A 103 -4.66 -20.61 -10.09
CA LYS A 103 -3.43 -20.22 -10.82
C LYS A 103 -2.26 -20.08 -9.83
N LEU A 104 -2.56 -19.92 -8.53
CA LEU A 104 -1.56 -19.93 -7.43
C LEU A 104 -2.12 -20.72 -6.25
N SER A 105 -1.23 -21.23 -5.40
CA SER A 105 -1.54 -21.83 -4.08
C SER A 105 -0.73 -21.10 -3.01
N LEU A 106 -1.36 -20.77 -1.88
CA LEU A 106 -0.70 -20.04 -0.78
C LEU A 106 0.47 -20.87 -0.24
N ASP A 107 0.31 -22.20 -0.16
CA ASP A 107 1.25 -23.10 0.58
C ASP A 107 2.03 -24.01 -0.39
N ALA A 108 1.89 -23.84 -1.70
CA ALA A 108 2.78 -24.49 -2.70
C ALA A 108 4.13 -23.79 -2.66
N PRO A 109 5.25 -24.51 -2.88
CA PRO A 109 6.55 -23.87 -3.03
C PRO A 109 6.57 -23.02 -4.32
N VAL A 110 7.04 -21.78 -4.22
CA VAL A 110 7.04 -20.83 -5.39
C VAL A 110 7.69 -21.51 -6.60
N VAL A 111 8.75 -22.28 -6.39
CA VAL A 111 9.46 -22.90 -7.54
C VAL A 111 8.41 -23.39 -8.55
N ARG A 112 7.26 -23.88 -8.04
CA ARG A 112 6.19 -24.43 -8.93
C ARG A 112 5.88 -23.45 -10.07
N TYR A 113 5.95 -22.13 -9.82
CA TYR A 113 5.62 -21.06 -10.80
C TYR A 113 6.89 -20.36 -11.28
N TRP A 114 7.95 -20.40 -10.48
CA TRP A 114 9.16 -19.55 -10.61
C TRP A 114 10.37 -20.38 -10.24
N PRO A 115 10.74 -21.37 -11.08
CA PRO A 115 11.75 -22.37 -10.72
C PRO A 115 13.10 -21.77 -10.30
N GLU A 116 13.54 -20.70 -10.97
CA GLU A 116 14.82 -20.00 -10.70
C GLU A 116 14.86 -19.48 -9.27
N PHE A 117 13.71 -19.26 -8.63
CA PHE A 117 13.59 -18.70 -7.25
C PHE A 117 14.23 -19.65 -6.24
N GLY A 118 14.32 -20.95 -6.58
CA GLY A 118 14.71 -22.02 -5.64
C GLY A 118 16.18 -21.99 -5.23
N GLN A 119 16.96 -20.99 -5.67
CA GLN A 119 18.40 -20.86 -5.32
C GLN A 119 18.58 -20.38 -3.88
N ALA A 120 19.76 -20.62 -3.32
CA ALA A 120 20.29 -19.98 -2.09
C ALA A 120 19.34 -20.19 -0.92
N GLY A 121 18.72 -21.36 -0.80
CA GLY A 121 17.95 -21.82 0.38
C GLY A 121 16.46 -21.52 0.28
N LYS A 122 15.91 -21.30 -0.92
CA LYS A 122 14.49 -20.88 -1.10
C LYS A 122 13.69 -21.99 -1.80
N ALA A 123 14.14 -23.25 -1.72
CA ALA A 123 13.51 -24.42 -2.37
C ALA A 123 12.09 -24.63 -1.85
N SER A 124 11.77 -24.17 -0.63
CA SER A 124 10.49 -24.44 0.08
C SER A 124 9.75 -23.14 0.43
N VAL A 125 10.19 -21.97 -0.07
CA VAL A 125 9.50 -20.67 0.18
C VAL A 125 8.16 -20.66 -0.57
N THR A 126 7.08 -20.26 0.13
CA THR A 126 5.68 -20.24 -0.38
C THR A 126 5.18 -18.80 -0.55
N LEU A 127 4.13 -18.60 -1.34
CA LEU A 127 3.47 -17.28 -1.58
C LEU A 127 2.97 -16.72 -0.25
N ARG A 128 2.43 -17.57 0.63
CA ARG A 128 1.90 -17.15 1.97
C ARG A 128 3.03 -16.44 2.73
N GLN A 129 4.24 -16.99 2.68
CA GLN A 129 5.43 -16.44 3.40
C GLN A 129 5.81 -15.09 2.79
N LEU A 130 5.75 -14.96 1.46
CA LEU A 130 6.08 -13.70 0.74
C LEU A 130 5.06 -12.61 1.10
N LEU A 131 3.77 -12.94 1.15
CA LEU A 131 2.68 -11.96 1.40
C LEU A 131 2.72 -11.48 2.86
N SER A 132 3.19 -12.31 3.79
CA SER A 132 3.19 -12.08 5.26
C SER A 132 4.57 -11.61 5.76
N HIS A 133 5.55 -11.41 4.86
CA HIS A 133 6.92 -10.91 5.16
C HIS A 133 7.67 -11.92 6.04
N ARG A 134 7.40 -13.21 5.87
CA ARG A 134 8.09 -14.30 6.64
C ARG A 134 9.11 -15.03 5.76
N ALA A 135 9.16 -14.73 4.46
CA ALA A 135 10.03 -15.43 3.48
C ALA A 135 11.51 -15.18 3.78
N GLY A 136 11.85 -13.98 4.29
CA GLY A 136 13.22 -13.60 4.65
C GLY A 136 13.92 -12.85 3.54
N LEU A 137 13.16 -12.16 2.68
CA LEU A 137 13.75 -11.28 1.62
C LEU A 137 13.28 -9.84 1.86
N PRO A 138 13.64 -9.21 2.99
CA PRO A 138 13.25 -7.84 3.28
C PRO A 138 13.98 -6.80 2.42
N ALA A 139 15.17 -7.17 1.93
CA ALA A 139 16.13 -6.28 1.22
C ALA A 139 17.14 -7.15 0.48
N ILE A 140 17.92 -6.54 -0.42
CA ILE A 140 19.06 -7.17 -1.14
C ILE A 140 20.35 -6.72 -0.44
N ARG A 141 21.25 -7.66 -0.17
CA ARG A 141 22.48 -7.41 0.62
C ARG A 141 23.42 -6.50 -0.16
N GLU A 142 23.82 -6.91 -1.37
CA GLU A 142 24.74 -6.15 -2.27
C GLU A 142 24.08 -4.81 -2.60
N LEU A 143 24.80 -3.71 -2.41
CA LEU A 143 24.28 -2.35 -2.69
C LEU A 143 24.28 -2.14 -4.21
N LEU A 144 23.10 -1.87 -4.76
CA LEU A 144 22.84 -1.81 -6.23
C LEU A 144 22.92 -0.35 -6.68
N PRO A 145 23.17 -0.09 -7.98
CA PRO A 145 23.04 1.25 -8.52
C PRO A 145 21.54 1.60 -8.62
N ALA A 146 21.22 2.89 -8.50
CA ALA A 146 19.85 3.45 -8.60
C ALA A 146 19.13 2.89 -9.83
N GLU A 147 19.79 2.82 -10.99
CA GLU A 147 19.11 2.39 -12.24
C GLU A 147 18.52 0.98 -12.06
N ALA A 148 19.24 0.08 -11.38
CA ALA A 148 18.80 -1.32 -11.19
C ALA A 148 17.29 -1.37 -10.92
N LEU A 149 16.76 -0.39 -10.17
CA LEU A 149 15.32 -0.26 -9.80
C LEU A 149 14.42 -0.40 -11.03
N TYR A 150 14.82 0.18 -12.17
CA TYR A 150 13.99 0.33 -13.39
C TYR A 150 14.15 -0.88 -14.31
N ASP A 151 15.07 -1.79 -13.98
CA ASP A 151 15.38 -3.01 -14.77
C ASP A 151 14.66 -4.20 -14.12
N TRP A 152 13.48 -4.56 -14.62
CA TRP A 152 12.59 -5.59 -14.01
C TRP A 152 13.32 -6.94 -13.93
N GLN A 153 13.90 -7.40 -15.05
CA GLN A 153 14.59 -8.71 -15.17
C GLN A 153 15.75 -8.76 -14.16
N ALA A 154 16.52 -7.67 -14.03
CA ALA A 154 17.70 -7.57 -13.12
C ALA A 154 17.25 -7.76 -11.67
N MET A 155 16.16 -7.09 -11.27
CA MET A 155 15.65 -7.13 -9.87
C MET A 155 15.08 -8.52 -9.58
N VAL A 156 14.36 -9.11 -10.53
CA VAL A 156 13.76 -10.47 -10.41
C VAL A 156 14.89 -11.52 -10.34
N ASP A 157 15.96 -11.36 -11.13
CA ASP A 157 17.12 -12.29 -11.13
C ASP A 157 17.90 -12.13 -9.82
N ALA A 158 18.10 -10.89 -9.35
CA ALA A 158 18.75 -10.59 -8.06
C ALA A 158 18.00 -11.32 -6.93
N LEU A 159 16.68 -11.18 -6.86
CA LEU A 159 15.87 -11.75 -5.75
C LEU A 159 15.85 -13.29 -5.84
N ALA A 160 15.77 -13.85 -7.04
CA ALA A 160 15.83 -15.32 -7.28
C ALA A 160 17.12 -15.87 -6.68
N ALA A 161 18.22 -15.12 -6.80
CA ALA A 161 19.59 -15.50 -6.38
C ALA A 161 19.84 -15.15 -4.90
N GLU A 162 18.99 -14.34 -4.27
CA GLU A 162 19.22 -13.80 -2.91
C GLU A 162 18.87 -14.86 -1.85
N ALA A 163 19.77 -15.10 -0.89
CA ALA A 163 19.55 -16.01 0.27
C ALA A 163 18.56 -15.36 1.24
N PRO A 164 17.69 -16.15 1.91
CA PRO A 164 16.86 -15.60 2.98
C PRO A 164 17.72 -15.03 4.12
N TRP A 165 17.22 -13.99 4.79
CA TRP A 165 17.90 -13.32 5.92
C TRP A 165 17.66 -14.09 7.22
N TRP A 166 16.70 -15.02 7.21
CA TRP A 166 16.41 -15.93 8.34
C TRP A 166 15.72 -17.19 7.77
N THR A 167 15.60 -18.24 8.58
CA THR A 167 14.90 -19.48 8.18
C THR A 167 13.48 -19.08 7.76
N PRO A 168 13.10 -19.24 6.47
CA PRO A 168 11.77 -18.82 6.02
C PRO A 168 10.68 -19.35 6.96
N GLY A 169 9.70 -18.50 7.31
CA GLY A 169 8.50 -18.87 8.09
C GLY A 169 8.70 -18.74 9.60
N THR A 170 9.92 -18.44 10.06
CA THR A 170 10.31 -18.49 11.50
C THR A 170 10.37 -17.09 12.13
N GLU A 171 10.47 -16.03 11.31
CA GLU A 171 10.47 -14.60 11.74
C GLU A 171 9.64 -13.80 10.73
N HIS A 172 9.41 -12.51 10.99
CA HIS A 172 8.93 -11.57 9.95
C HIS A 172 9.79 -10.30 9.95
N GLY A 173 9.98 -9.74 8.76
CA GLY A 173 10.67 -8.47 8.52
C GLY A 173 10.07 -7.82 7.29
N TYR A 174 9.50 -6.63 7.47
CA TYR A 174 8.80 -5.85 6.42
C TYR A 174 9.71 -5.76 5.19
N ALA A 175 9.15 -6.10 4.01
CA ALA A 175 9.83 -6.05 2.68
C ALA A 175 9.25 -4.89 1.88
N ALA A 176 9.71 -3.67 2.15
CA ALA A 176 9.14 -2.39 1.67
C ALA A 176 8.99 -2.37 0.14
N ILE A 177 10.03 -2.71 -0.62
CA ILE A 177 10.00 -2.63 -2.12
C ILE A 177 10.20 -4.00 -2.76
N THR A 178 11.00 -4.91 -2.16
CA THR A 178 11.27 -6.25 -2.73
C THR A 178 9.94 -7.00 -2.96
N TYR A 179 8.96 -6.79 -2.08
CA TYR A 179 7.58 -7.31 -2.17
C TYR A 179 7.03 -7.10 -3.59
N GLY A 180 7.33 -5.95 -4.20
CA GLY A 180 6.85 -5.54 -5.53
C GLY A 180 7.23 -6.55 -6.61
N TRP A 181 8.49 -6.97 -6.64
CA TRP A 181 9.01 -7.95 -7.64
C TRP A 181 8.60 -9.36 -7.23
N LEU A 182 8.62 -9.68 -5.93
CA LEU A 182 8.35 -11.05 -5.42
C LEU A 182 6.90 -11.44 -5.77
N ILE A 183 5.91 -10.60 -5.48
CA ILE A 183 4.48 -10.90 -5.76
C ILE A 183 4.20 -10.58 -7.23
N GLY A 184 4.76 -9.47 -7.74
CA GLY A 184 4.62 -9.02 -9.14
C GLY A 184 5.08 -10.07 -10.13
N GLU A 185 6.24 -10.69 -9.90
CA GLU A 185 6.78 -11.70 -10.85
C GLU A 185 5.83 -12.90 -10.88
N LEU A 186 5.33 -13.34 -9.71
CA LEU A 186 4.36 -14.46 -9.63
C LEU A 186 3.07 -14.10 -10.36
N ILE A 187 2.60 -12.86 -10.20
CA ILE A 187 1.39 -12.35 -10.91
C ILE A 187 1.64 -12.42 -12.42
N ARG A 188 2.79 -11.89 -12.86
CA ARG A 188 3.15 -11.77 -14.30
C ARG A 188 3.17 -13.15 -14.96
N ARG A 189 3.74 -14.15 -14.27
CA ARG A 189 3.97 -15.52 -14.82
C ARG A 189 2.66 -16.29 -14.96
N VAL A 190 1.68 -16.09 -14.07
CA VAL A 190 0.44 -16.94 -14.02
C VAL A 190 -0.75 -16.21 -14.68
N ASP A 191 -0.71 -14.89 -14.84
CA ASP A 191 -1.86 -14.11 -15.40
C ASP A 191 -1.51 -13.63 -16.82
N GLY A 192 -0.33 -13.96 -17.34
CA GLY A 192 0.09 -13.69 -18.73
C GLY A 192 -0.08 -12.24 -19.13
N ARG A 193 0.29 -11.32 -18.25
CA ARG A 193 0.36 -9.86 -18.54
C ARG A 193 1.20 -9.20 -17.44
N GLY A 194 1.60 -7.94 -17.65
CA GLY A 194 2.39 -7.18 -16.67
C GLY A 194 1.65 -7.10 -15.34
N PRO A 195 2.37 -7.13 -14.19
CA PRO A 195 1.73 -7.22 -12.88
C PRO A 195 0.84 -6.02 -12.58
N GLY A 196 1.26 -4.83 -13.03
CA GLY A 196 0.48 -3.58 -12.92
C GLY A 196 -0.83 -3.70 -13.68
N GLU A 197 -0.79 -4.27 -14.89
CA GLU A 197 -1.98 -4.48 -15.75
C GLU A 197 -2.95 -5.42 -15.02
N SER A 198 -2.44 -6.54 -14.51
CA SER A 198 -3.19 -7.54 -13.71
C SER A 198 -3.91 -6.83 -12.55
N ILE A 199 -3.17 -6.06 -11.74
CA ILE A 199 -3.67 -5.41 -10.49
C ILE A 199 -4.79 -4.44 -10.85
N VAL A 200 -4.54 -3.54 -11.81
CA VAL A 200 -5.54 -2.51 -12.25
C VAL A 200 -6.78 -3.21 -12.84
N ALA A 201 -6.61 -4.31 -13.57
CA ALA A 201 -7.70 -5.04 -14.26
C ALA A 201 -8.57 -5.76 -13.23
N ARG A 202 -7.97 -6.25 -12.14
CA ARG A 202 -8.64 -7.13 -11.15
C ARG A 202 -9.20 -6.33 -9.97
N THR A 203 -8.58 -5.20 -9.59
CA THR A 203 -8.93 -4.46 -8.34
C THR A 203 -9.47 -3.05 -8.63
N ALA A 204 -9.13 -2.43 -9.77
CA ALA A 204 -9.50 -1.04 -10.08
C ALA A 204 -10.64 -0.99 -11.11
N ARG A 205 -10.46 -1.60 -12.29
CA ARG A 205 -11.41 -1.51 -13.42
C ARG A 205 -12.81 -1.99 -13.01
N PRO A 206 -12.94 -3.19 -12.37
CA PRO A 206 -14.27 -3.72 -12.04
C PRO A 206 -15.12 -2.75 -11.21
N LEU A 207 -14.48 -1.82 -10.49
CA LEU A 207 -15.14 -0.82 -9.60
C LEU A 207 -15.01 0.59 -10.19
N GLY A 208 -14.32 0.76 -11.33
CA GLY A 208 -14.05 2.05 -11.96
C GLY A 208 -13.24 2.97 -11.05
N LEU A 209 -12.29 2.43 -10.30
CA LEU A 209 -11.42 3.20 -9.38
C LEU A 209 -10.38 3.96 -10.21
N ASP A 210 -10.12 5.21 -9.83
CA ASP A 210 -9.02 6.04 -10.41
C ASP A 210 -7.71 5.58 -9.76
N PHE A 211 -7.21 4.43 -10.19
CA PHE A 211 -6.02 3.75 -9.60
C PHE A 211 -5.16 3.15 -10.72
N HIS A 212 -3.85 3.36 -10.63
CA HIS A 212 -2.84 3.05 -11.68
C HIS A 212 -1.60 2.42 -11.04
N VAL A 213 -1.12 1.31 -11.59
CA VAL A 213 0.24 0.75 -11.35
C VAL A 213 0.98 0.73 -12.68
N GLY A 214 1.74 1.79 -12.95
CA GLY A 214 2.20 2.16 -14.31
C GLY A 214 1.30 3.23 -14.87
N LEU A 215 1.76 4.48 -14.85
CA LEU A 215 0.93 5.67 -15.17
C LEU A 215 1.34 6.23 -16.54
N ALA A 216 0.40 6.23 -17.50
CA ALA A 216 0.56 6.82 -18.85
C ALA A 216 0.78 8.32 -18.72
N ASP A 217 1.58 8.90 -19.64
CA ASP A 217 1.98 10.33 -19.65
C ASP A 217 0.74 11.23 -19.82
N GLU A 218 -0.32 10.69 -20.45
CA GLU A 218 -1.62 11.41 -20.65
C GLU A 218 -2.22 11.82 -19.30
N GLU A 219 -1.81 11.18 -18.19
CA GLU A 219 -2.37 11.42 -16.83
C GLU A 219 -1.41 12.26 -15.97
N PHE A 220 -0.18 12.50 -16.42
CA PHE A 220 0.88 13.19 -15.63
C PHE A 220 0.40 14.58 -15.19
N HIS A 221 -0.51 15.19 -15.98
CA HIS A 221 -1.02 16.57 -15.74
C HIS A 221 -1.75 16.65 -14.39
N ARG A 222 -2.36 15.57 -13.92
CA ARG A 222 -3.17 15.57 -12.66
C ARG A 222 -2.46 14.79 -11.55
N VAL A 223 -1.11 14.77 -11.57
CA VAL A 223 -0.27 14.09 -10.53
C VAL A 223 0.29 15.16 -9.58
N ALA A 224 0.02 15.01 -8.27
CA ALA A 224 0.54 15.88 -7.20
C ALA A 224 2.05 15.65 -7.06
N HIS A 225 2.79 16.72 -6.75
CA HIS A 225 4.24 16.69 -6.43
C HIS A 225 4.41 16.27 -4.96
N ILE A 226 5.13 15.18 -4.72
CA ILE A 226 5.44 14.65 -3.35
C ILE A 226 6.65 15.39 -2.78
N ALA A 227 6.58 15.84 -1.54
CA ALA A 227 7.70 16.49 -0.81
C ALA A 227 7.64 16.13 0.68
N ARG A 228 8.77 16.27 1.37
CA ARG A 228 8.91 16.08 2.84
C ARG A 228 8.65 17.41 3.55
N GLU A 248 13.09 8.14 9.95
CA GLU A 248 13.14 6.68 10.28
C GLU A 248 13.32 5.84 9.01
N PRO A 249 12.57 6.06 7.90
CA PRO A 249 12.67 5.21 6.72
C PRO A 249 14.10 5.03 6.18
N GLU A 250 14.80 6.13 5.89
CA GLU A 250 16.20 6.15 5.37
C GLU A 250 17.16 5.61 6.43
N ALA A 251 16.78 5.65 7.71
CA ALA A 251 17.64 5.35 8.89
C ALA A 251 17.96 3.85 8.98
N LEU A 252 17.13 2.98 8.40
CA LEU A 252 17.08 1.52 8.73
C LEU A 252 18.37 0.80 8.31
N SER A 253 18.88 -0.08 9.19
CA SER A 253 20.08 -0.95 8.99
C SER A 253 19.76 -2.04 7.97
N THR A 254 18.51 -2.50 7.92
CA THR A 254 17.95 -3.32 6.82
C THR A 254 17.37 -2.34 5.81
N ARG A 255 18.03 -2.18 4.66
CA ARG A 255 17.75 -1.11 3.66
C ARG A 255 16.62 -1.56 2.75
N ALA A 256 15.46 -1.82 3.36
CA ALA A 256 14.21 -2.22 2.67
C ALA A 256 13.74 -1.10 1.73
N PHE A 257 14.03 0.17 2.05
CA PHE A 257 13.57 1.35 1.26
C PHE A 257 14.69 1.93 0.39
N THR A 258 15.97 1.69 0.72
CA THR A 258 17.13 2.46 0.18
C THR A 258 18.11 1.55 -0.58
N ASN A 259 17.66 0.42 -1.14
CA ASN A 259 18.51 -0.43 -2.00
C ASN A 259 17.63 -1.19 -3.00
N PRO A 260 17.62 -0.83 -4.30
CA PRO A 260 18.44 0.25 -4.85
C PRO A 260 18.20 1.63 -4.25
N PRO A 261 19.21 2.53 -4.27
CA PRO A 261 19.10 3.83 -3.62
C PRO A 261 18.25 4.82 -4.43
N ALA A 262 17.92 5.96 -3.81
CA ALA A 262 17.22 7.12 -4.41
C ALA A 262 15.77 6.77 -4.80
N ILE A 263 15.18 5.74 -4.18
CA ILE A 263 13.77 5.31 -4.44
C ILE A 263 12.81 6.44 -4.04
N LEU A 264 12.78 6.77 -2.74
CA LEU A 264 11.83 7.74 -2.13
C LEU A 264 12.25 9.19 -2.45
N THR A 265 13.39 9.39 -3.13
CA THR A 265 13.84 10.71 -3.66
C THR A 265 13.49 10.81 -5.16
N SER A 266 12.88 9.78 -5.76
CA SER A 266 12.59 9.69 -7.21
C SER A 266 11.09 9.51 -7.47
N THR A 267 10.24 9.75 -6.46
CA THR A 267 8.78 9.50 -6.49
C THR A 267 8.11 10.36 -7.57
N ASN A 268 8.67 11.53 -7.86
CA ASN A 268 8.12 12.51 -8.84
C ASN A 268 8.69 12.28 -10.24
N LYS A 269 9.59 11.32 -10.43
CA LYS A 269 10.24 11.01 -11.74
C LYS A 269 9.23 10.35 -12.68
N PRO A 270 9.16 10.80 -13.96
CA PRO A 270 8.38 10.12 -14.99
C PRO A 270 8.58 8.59 -15.11
N GLU A 271 9.83 8.14 -15.04
CA GLU A 271 10.13 6.69 -15.13
C GLU A 271 9.46 6.00 -13.95
N TRP A 272 9.65 6.53 -12.75
CA TRP A 272 9.03 5.96 -11.52
C TRP A 272 7.51 5.82 -11.73
N ARG A 273 6.89 6.84 -12.33
CA ARG A 273 5.42 6.87 -12.61
C ARG A 273 5.06 5.77 -13.61
N ARG A 274 5.88 5.56 -14.64
CA ARG A 274 5.56 4.67 -15.79
C ARG A 274 5.87 3.21 -15.45
N MET A 275 6.79 2.93 -14.53
CA MET A 275 7.16 1.55 -14.14
C MET A 275 5.99 0.91 -13.38
N GLN A 276 6.00 -0.42 -13.27
CA GLN A 276 5.07 -1.21 -12.45
C GLN A 276 5.82 -1.68 -11.21
N GLN A 277 5.50 -1.08 -10.05
CA GLN A 277 6.13 -1.43 -8.76
C GLN A 277 5.00 -1.75 -7.77
N PRO A 278 4.48 -3.00 -7.76
CA PRO A 278 3.34 -3.40 -6.92
C PRO A 278 3.49 -3.22 -5.39
N ALA A 279 4.65 -2.81 -4.91
CA ALA A 279 4.90 -2.52 -3.47
C ALA A 279 4.72 -1.03 -3.17
N ALA A 280 4.98 -0.15 -4.15
CA ALA A 280 5.42 1.24 -3.87
C ALA A 280 4.77 2.32 -4.77
N ASN A 281 4.52 2.05 -6.06
CA ASN A 281 4.17 3.15 -7.02
C ASN A 281 2.71 3.29 -7.44
N GLY A 282 1.77 2.61 -6.80
CA GLY A 282 0.34 2.81 -7.08
C GLY A 282 0.01 4.30 -7.05
N HIS A 283 -0.67 4.81 -8.08
CA HIS A 283 -1.11 6.23 -8.15
C HIS A 283 -2.63 6.28 -8.03
N GLY A 284 -3.14 7.07 -7.09
CA GLY A 284 -4.57 7.32 -6.90
C GLY A 284 -4.78 8.41 -5.89
N ASN A 285 -5.94 8.40 -5.22
CA ASN A 285 -6.27 9.42 -4.19
C ASN A 285 -7.15 8.75 -3.12
N ALA A 286 -7.66 9.57 -2.19
CA ALA A 286 -8.52 9.12 -1.05
C ALA A 286 -9.73 8.35 -1.59
N ARG A 287 -10.30 8.80 -2.71
CA ARG A 287 -11.54 8.24 -3.30
C ARG A 287 -11.26 6.85 -3.88
N SER A 288 -10.14 6.66 -4.59
CA SER A 288 -9.79 5.31 -5.08
C SER A 288 -9.54 4.39 -3.87
N LEU A 289 -8.78 4.87 -2.88
CA LEU A 289 -8.46 4.06 -1.67
C LEU A 289 -9.77 3.59 -1.00
N ALA A 290 -10.69 4.52 -0.73
CA ALA A 290 -12.00 4.23 -0.10
C ALA A 290 -12.78 3.24 -0.96
N GLY A 291 -12.82 3.47 -2.29
CA GLY A 291 -13.55 2.63 -3.26
C GLY A 291 -13.05 1.19 -3.23
N PHE A 292 -11.72 1.00 -3.20
CA PHE A 292 -11.07 -0.32 -3.12
C PHE A 292 -11.53 -1.05 -1.85
N TYR A 293 -11.44 -0.38 -0.69
CA TYR A 293 -11.76 -1.01 0.63
C TYR A 293 -13.27 -1.25 0.74
N ALA A 294 -14.11 -0.39 0.17
CA ALA A 294 -15.59 -0.60 0.12
C ALA A 294 -15.87 -1.84 -0.73
N GLY A 295 -15.13 -2.00 -1.84
CA GLY A 295 -15.16 -3.19 -2.71
C GLY A 295 -14.77 -4.47 -1.99
N LEU A 296 -13.89 -4.39 -0.99
CA LEU A 296 -13.49 -5.57 -0.17
C LEU A 296 -14.63 -5.93 0.79
N LEU A 297 -15.20 -4.93 1.48
CA LEU A 297 -16.24 -5.12 2.52
C LEU A 297 -17.52 -5.72 1.91
N ASP A 298 -17.87 -5.34 0.67
CA ASP A 298 -19.18 -5.70 0.04
C ASP A 298 -19.03 -6.93 -0.87
N GLY A 299 -17.86 -7.59 -0.88
CA GLY A 299 -17.62 -8.86 -1.60
C GLY A 299 -17.39 -8.70 -3.09
N SER A 300 -17.14 -7.48 -3.58
CA SER A 300 -16.92 -7.17 -5.02
C SER A 300 -15.61 -7.78 -5.52
N LEU A 301 -14.55 -7.81 -4.69
CA LEU A 301 -13.17 -8.10 -5.15
C LEU A 301 -12.68 -9.48 -4.69
N LEU A 302 -13.22 -10.04 -3.61
CA LEU A 302 -12.75 -11.34 -3.06
C LEU A 302 -13.92 -12.13 -2.47
N GLU A 303 -13.95 -13.45 -2.72
CA GLU A 303 -14.89 -14.41 -2.08
C GLU A 303 -14.53 -14.50 -0.60
N SER A 304 -15.54 -14.69 0.26
CA SER A 304 -15.44 -14.60 1.74
C SER A 304 -14.31 -15.49 2.27
N GLU A 305 -14.07 -16.65 1.65
CA GLU A 305 -12.98 -17.59 2.06
C GLU A 305 -11.61 -16.92 1.85
N LEU A 306 -11.45 -16.21 0.73
CA LEU A 306 -10.14 -15.59 0.35
C LEU A 306 -9.91 -14.32 1.19
N LEU A 307 -10.96 -13.56 1.50
CA LEU A 307 -10.88 -12.38 2.39
C LEU A 307 -10.49 -12.81 3.81
N ASP A 308 -10.98 -13.98 4.26
CA ASP A 308 -10.64 -14.57 5.58
C ASP A 308 -9.13 -14.86 5.64
N GLU A 309 -8.54 -15.30 4.53
CA GLU A 309 -7.07 -15.56 4.43
C GLU A 309 -6.32 -14.22 4.47
N LEU A 310 -6.73 -13.26 3.64
CA LEU A 310 -6.10 -11.92 3.55
C LEU A 310 -5.97 -11.30 4.93
N THR A 311 -7.03 -11.39 5.74
CA THR A 311 -7.17 -10.65 7.03
C THR A 311 -6.77 -11.54 8.22
N ARG A 312 -6.43 -12.82 8.00
CA ARG A 312 -5.94 -13.72 9.07
C ARG A 312 -4.56 -13.24 9.53
N GLU A 313 -4.34 -13.19 10.85
CA GLU A 313 -3.02 -12.85 11.42
C GLU A 313 -2.00 -13.91 10.99
N HIS A 314 -0.95 -13.49 10.29
CA HIS A 314 0.17 -14.36 9.83
C HIS A 314 1.45 -14.01 10.58
N SER A 315 1.63 -12.73 10.93
CA SER A 315 2.86 -12.22 11.59
C SER A 315 2.47 -11.24 12.70
N LEU A 316 3.01 -11.45 13.90
CA LEU A 316 2.84 -10.55 15.07
C LEU A 316 4.11 -10.60 15.90
N GLY A 317 4.69 -9.44 16.24
CA GLY A 317 5.89 -9.34 17.07
C GLY A 317 6.92 -8.39 16.48
N GLN A 318 8.15 -8.45 17.01
CA GLN A 318 9.25 -7.52 16.65
C GLN A 318 9.59 -7.71 15.16
N ASP A 319 9.39 -6.66 14.38
CA ASP A 319 9.68 -6.65 12.92
C ASP A 319 11.20 -6.57 12.74
N ARG A 320 11.80 -7.51 12.01
CA ARG A 320 13.29 -7.58 11.82
C ARG A 320 13.77 -6.41 10.95
N THR A 321 12.90 -5.83 10.12
CA THR A 321 13.20 -4.62 9.31
C THR A 321 12.94 -3.35 10.12
N LEU A 322 11.73 -3.18 10.65
CA LEU A 322 11.27 -1.91 11.26
C LEU A 322 11.68 -1.80 12.74
N LEU A 323 12.00 -2.93 13.40
CA LEU A 323 12.43 -2.97 14.83
C LEU A 323 11.36 -2.30 15.71
N THR A 324 10.11 -2.70 15.44
CA THR A 324 8.93 -2.24 16.20
C THR A 324 7.87 -3.33 16.04
N GLN A 325 6.91 -3.44 16.96
CA GLN A 325 5.90 -4.54 16.92
C GLN A 325 4.96 -4.32 15.73
N THR A 326 5.00 -5.23 14.75
CA THR A 326 4.11 -5.14 13.56
C THR A 326 3.16 -6.33 13.56
N ARG A 327 2.05 -6.18 12.83
CA ARG A 327 1.00 -7.22 12.71
C ARG A 327 0.51 -7.26 11.27
N PHE A 328 0.75 -8.36 10.57
CA PHE A 328 0.48 -8.51 9.12
C PHE A 328 -0.50 -9.66 8.88
N GLY A 329 -1.44 -9.42 7.97
CA GLY A 329 -2.14 -10.45 7.19
C GLY A 329 -1.35 -10.77 5.94
N LEU A 330 -2.04 -11.07 4.85
CA LEU A 330 -1.43 -11.22 3.50
C LEU A 330 -1.45 -9.86 2.81
N GLY A 331 -0.30 -9.18 2.75
CA GLY A 331 -0.11 -7.87 2.10
C GLY A 331 -1.04 -6.81 2.68
N CYS A 332 -1.38 -6.92 3.96
CA CYS A 332 -2.08 -5.86 4.74
C CYS A 332 -1.57 -5.87 6.17
N MET A 333 -1.68 -4.72 6.83
CA MET A 333 -1.46 -4.61 8.29
C MET A 333 -2.82 -4.75 8.99
N LEU A 334 -2.80 -5.40 10.15
CA LEU A 334 -3.98 -5.58 11.03
C LEU A 334 -3.81 -4.64 12.23
N ASP A 335 -4.92 -4.05 12.69
CA ASP A 335 -4.93 -3.12 13.84
C ASP A 335 -4.28 -3.77 15.06
N GLN A 336 -3.42 -3.02 15.76
CA GLN A 336 -2.96 -3.32 17.13
C GLN A 336 -3.48 -2.23 18.05
N PRO A 337 -4.62 -2.43 18.75
CA PRO A 337 -5.31 -1.33 19.42
C PRO A 337 -4.50 -0.66 20.55
N ASP A 338 -3.50 -1.34 21.12
CA ASP A 338 -2.70 -0.78 22.25
C ASP A 338 -1.27 -0.41 21.78
N VAL A 339 -1.03 -0.33 20.47
CA VAL A 339 0.29 0.08 19.90
C VAL A 339 0.09 1.39 19.13
N ALA A 340 0.67 2.48 19.63
CA ALA A 340 0.41 3.89 19.24
C ALA A 340 0.69 4.11 17.75
N ASN A 341 1.79 3.57 17.24
CA ASN A 341 2.21 3.79 15.83
C ASN A 341 1.60 2.73 14.89
N ALA A 342 0.83 1.76 15.41
CA ALA A 342 0.36 0.59 14.60
C ALA A 342 -1.15 0.36 14.74
N THR A 343 -1.92 1.38 15.10
CA THR A 343 -3.40 1.37 15.13
C THR A 343 -3.91 2.32 14.04
N PHE A 344 -4.90 1.91 13.24
CA PHE A 344 -5.52 2.77 12.21
C PHE A 344 -6.31 3.89 12.90
N GLY A 345 -6.81 3.65 14.13
CA GLY A 345 -7.51 4.62 14.98
C GLY A 345 -9.01 4.35 15.10
N LEU A 346 -9.49 3.20 14.65
CA LEU A 346 -10.91 2.76 14.78
C LEU A 346 -10.96 1.41 15.53
N GLY A 347 -11.63 0.39 14.99
CA GLY A 347 -11.83 -0.91 15.67
C GLY A 347 -10.63 -1.83 15.53
N ALA A 348 -10.61 -2.91 16.33
CA ALA A 348 -9.50 -3.89 16.42
C ALA A 348 -9.44 -4.76 15.16
N ARG A 349 -10.49 -4.80 14.34
CA ARG A 349 -10.56 -5.70 13.16
C ARG A 349 -10.28 -4.90 11.88
N ALA A 350 -9.84 -3.64 12.00
CA ALA A 350 -9.45 -2.81 10.84
C ALA A 350 -8.24 -3.47 10.16
N PHE A 351 -8.26 -3.52 8.83
CA PHE A 351 -7.18 -4.09 7.99
C PHE A 351 -6.95 -3.19 6.77
N GLY A 352 -5.69 -3.11 6.33
CA GLY A 352 -5.31 -2.26 5.20
C GLY A 352 -3.81 -2.02 5.19
N HIS A 353 -3.39 -0.86 4.68
CA HIS A 353 -1.93 -0.59 4.57
C HIS A 353 -1.63 0.89 4.40
N PRO A 354 -0.93 1.53 5.36
CA PRO A 354 -0.45 2.90 5.20
C PRO A 354 0.73 2.91 4.22
N GLY A 355 1.04 4.07 3.67
CA GLY A 355 2.30 4.32 2.95
C GLY A 355 3.22 5.16 3.80
N ALA A 356 4.53 4.95 3.68
CA ALA A 356 5.55 5.85 4.25
C ALA A 356 5.14 7.29 3.91
N GLY A 357 5.12 8.19 4.91
CA GLY A 357 4.83 9.62 4.68
C GLY A 357 3.42 10.02 5.09
N GLY A 358 2.46 9.09 5.14
CA GLY A 358 1.18 9.34 5.84
C GLY A 358 -0.08 8.99 5.09
N SER A 359 -0.04 8.70 3.78
CA SER A 359 -1.24 8.20 3.04
C SER A 359 -1.66 6.84 3.65
N VAL A 360 -2.96 6.55 3.70
CA VAL A 360 -3.47 5.27 4.27
C VAL A 360 -4.87 4.97 3.70
N GLY A 361 -5.11 3.68 3.43
CA GLY A 361 -6.44 3.12 3.15
C GLY A 361 -6.67 1.92 4.03
N PHE A 362 -7.89 1.75 4.54
CA PHE A 362 -8.26 0.55 5.33
C PHE A 362 -9.77 0.36 5.31
N ALA A 363 -10.17 -0.85 5.67
CA ALA A 363 -11.58 -1.26 5.91
C ALA A 363 -11.69 -1.64 7.38
N ASP A 364 -12.82 -1.28 8.00
CA ASP A 364 -13.16 -1.73 9.37
C ASP A 364 -14.53 -2.40 9.30
N PRO A 365 -14.58 -3.76 9.29
CA PRO A 365 -15.83 -4.51 9.15
C PRO A 365 -16.82 -4.30 10.29
N GLU A 366 -16.33 -3.92 11.48
CA GLU A 366 -17.16 -3.66 12.68
C GLU A 366 -18.07 -2.46 12.43
N TYR A 367 -17.54 -1.40 11.81
CA TYR A 367 -18.27 -0.12 11.57
C TYR A 367 -18.65 0.00 10.10
N ASP A 368 -18.29 -1.00 9.29
CA ASP A 368 -18.61 -1.06 7.84
C ASP A 368 -17.98 0.16 7.15
N VAL A 369 -16.80 0.56 7.61
CA VAL A 369 -16.08 1.79 7.15
C VAL A 369 -15.05 1.40 6.10
N ALA A 370 -15.00 2.16 5.00
CA ALA A 370 -13.89 2.20 4.04
C ALA A 370 -13.29 3.60 4.11
N PHE A 371 -11.99 3.69 4.40
CA PHE A 371 -11.29 4.96 4.71
C PHE A 371 -10.12 5.13 3.74
N GLY A 372 -10.02 6.33 3.15
CA GLY A 372 -8.88 6.74 2.30
C GLY A 372 -8.39 8.11 2.71
N PHE A 373 -7.07 8.25 2.90
CA PHE A 373 -6.39 9.55 3.11
C PHE A 373 -5.14 9.59 2.24
N VAL A 374 -5.00 10.66 1.45
CA VAL A 374 -3.82 10.91 0.58
C VAL A 374 -3.26 12.31 0.90
N THR A 375 -1.94 12.39 1.05
CA THR A 375 -1.17 13.65 1.27
C THR A 375 0.00 13.68 0.29
N ASN A 376 0.45 14.89 -0.09
CA ASN A 376 1.68 15.09 -0.89
C ASN A 376 2.77 15.64 0.02
N THR A 377 2.52 15.72 1.33
CA THR A 377 3.49 16.19 2.35
C THR A 377 3.86 15.03 3.28
N LEU A 378 4.97 14.35 2.99
CA LEU A 378 5.39 13.10 3.69
C LEU A 378 5.94 13.44 5.07
N GLY A 379 5.39 12.82 6.12
CA GLY A 379 5.94 12.82 7.48
C GLY A 379 7.06 11.79 7.62
N PRO A 380 7.65 11.64 8.83
CA PRO A 380 8.75 10.69 9.05
C PRO A 380 8.35 9.27 9.49
N TYR A 381 7.06 8.93 9.44
CA TYR A 381 6.52 7.61 9.88
C TYR A 381 6.36 6.67 8.68
N VAL A 382 6.82 5.43 8.83
CA VAL A 382 6.59 4.30 7.87
C VAL A 382 5.19 3.73 8.12
N LEU A 383 4.83 3.51 9.39
CA LEU A 383 3.51 2.97 9.79
C LEU A 383 2.51 4.14 9.88
N MET A 384 1.55 4.10 10.81
CA MET A 384 0.46 5.12 10.89
C MET A 384 1.07 6.50 11.09
N ASP A 385 0.54 7.48 10.37
CA ASP A 385 0.84 8.91 10.57
C ASP A 385 -0.19 9.48 11.54
N PRO A 386 0.24 10.22 12.59
CA PRO A 386 -0.70 10.80 13.57
C PRO A 386 -1.79 11.68 12.95
N ARG A 387 -1.50 12.35 11.84
CA ARG A 387 -2.50 13.16 11.08
C ARG A 387 -3.69 12.25 10.71
N ALA A 388 -3.41 11.09 10.13
CA ALA A 388 -4.41 10.10 9.65
C ALA A 388 -5.16 9.48 10.84
N GLN A 389 -4.45 9.16 11.92
CA GLN A 389 -5.04 8.53 13.13
C GLN A 389 -6.06 9.48 13.78
N LYS A 390 -5.75 10.78 13.83
CA LYS A 390 -6.67 11.81 14.39
C LYS A 390 -7.93 11.87 13.53
N LEU A 391 -7.78 11.90 12.20
CA LEU A 391 -8.93 11.94 11.25
C LEU A 391 -9.84 10.74 11.52
N VAL A 392 -9.25 9.55 11.67
CA VAL A 392 -10.00 8.28 11.91
C VAL A 392 -10.69 8.37 13.27
N ARG A 393 -9.99 8.90 14.28
CA ARG A 393 -10.53 8.98 15.67
C ARG A 393 -11.74 9.92 15.72
N VAL A 394 -11.71 11.01 14.94
CA VAL A 394 -12.86 11.97 14.86
C VAL A 394 -14.02 11.29 14.10
N LEU A 395 -13.73 10.57 13.01
CA LEU A 395 -14.76 9.73 12.33
C LEU A 395 -15.40 8.81 13.39
N GLY A 396 -14.58 8.16 14.21
CA GLY A 396 -15.00 7.27 15.30
C GLY A 396 -16.02 7.95 16.21
N THR A 397 -15.77 9.20 16.61
CA THR A 397 -16.67 10.00 17.49
C THR A 397 -18.02 10.19 16.80
N CYS A 398 -18.04 10.48 15.50
CA CYS A 398 -19.28 10.77 14.71
C CYS A 398 -20.15 9.51 14.59
N LEU A 399 -19.52 8.34 14.48
CA LEU A 399 -20.22 7.02 14.53
C LEU A 399 -20.70 6.79 15.96
#